data_2DDW
#
_entry.id   2DDW
#
_cell.length_a   65.668
_cell.length_b   75.028
_cell.length_c   109.360
_cell.angle_alpha   90.00
_cell.angle_beta   90.00
_cell.angle_gamma   90.00
#
_symmetry.space_group_name_H-M   'P 21 21 21'
#
loop_
_entity.id
_entity.type
_entity.pdbx_description
1 polymer 'Pyridoxine kinase'
2 non-polymer 3-HYDROXY-5-(HYDROXYMETHYL)-2-METHYLISONICOTINALDEHYDE
3 water water
#
_entity_poly.entity_id   1
_entity_poly.type   'polypeptide(L)'
_entity_poly.pdbx_seq_one_letter_code
;MSSLLLFNDKSRALQADIVAVQSQVVYGSVGNSIAVPAIKQNGLNVFAVPTVLLSNTPHYDTFYGGAIPDEWFSGYLRAL
QERDALRQLRAVTTGYMGTASQIKILAEWLTALRKDHPDLLIMVDPVIGDIDSGIYVKPDLPEAYRQYLLPLAQGITPNI
FELEILTGKNCRDLDSAIAAAKSLLSDTLKWVVVTSASGNEENQEMQVVVVTADSVNVISHSRVKTDLKGTGDLFCAQLI
SGLLKGKALTDAVHRAGLRVLEVMRYTQQHESDELILPPLAEA
;
_entity_poly.pdbx_strand_id   A,B
#
# COMPACT_ATOMS: atom_id res chain seq x y z
N LYS A 10 -14.23 5.56 -24.47
CA LYS A 10 -14.29 4.19 -23.89
C LYS A 10 -13.52 4.11 -22.56
N SER A 11 -13.03 5.26 -22.09
CA SER A 11 -12.25 5.32 -20.86
C SER A 11 -13.00 5.80 -19.62
N ARG A 12 -13.16 4.90 -18.66
CA ARG A 12 -13.84 5.16 -17.39
C ARG A 12 -13.06 4.52 -16.23
N ALA A 13 -12.03 3.75 -16.58
CA ALA A 13 -11.22 3.09 -15.58
C ALA A 13 -10.07 3.98 -15.14
N LEU A 14 -9.67 3.86 -13.87
CA LEU A 14 -8.60 4.66 -13.33
C LEU A 14 -7.44 4.74 -14.31
N GLN A 15 -6.68 5.83 -14.22
CA GLN A 15 -5.52 6.03 -15.07
C GLN A 15 -4.36 6.57 -14.23
N ALA A 16 -3.14 6.38 -14.71
CA ALA A 16 -1.98 6.85 -13.98
C ALA A 16 -0.77 7.19 -14.83
N ASP A 17 0.09 8.02 -14.27
CA ASP A 17 1.32 8.46 -14.92
C ASP A 17 2.32 7.31 -14.86
N ILE A 18 2.66 6.91 -13.65
CA ILE A 18 3.66 5.89 -13.40
C ILE A 18 3.18 4.50 -13.01
N VAL A 19 4.02 3.51 -13.26
CA VAL A 19 3.74 2.11 -12.91
C VAL A 19 4.94 1.56 -12.15
N ALA A 20 5.23 2.14 -10.99
CA ALA A 20 6.36 1.73 -10.17
C ALA A 20 6.23 0.31 -9.65
N VAL A 21 7.24 -0.50 -9.93
CA VAL A 21 7.27 -1.90 -9.51
C VAL A 21 8.41 -2.17 -8.53
N GLN A 22 8.08 -2.53 -7.29
CA GLN A 22 9.13 -2.84 -6.29
C GLN A 22 8.63 -3.29 -4.91
N SER A 23 9.58 -3.49 -4.02
CA SER A 23 9.35 -3.83 -2.61
C SER A 23 8.16 -3.02 -1.91
N GLN A 24 7.47 -3.69 -1.00
CA GLN A 24 6.37 -3.11 -0.18
C GLN A 24 6.42 -3.67 1.23
N VAL A 25 6.40 -2.77 2.23
CA VAL A 25 6.47 -3.16 3.66
C VAL A 25 5.29 -2.71 4.49
N VAL A 26 4.83 -3.58 5.38
CA VAL A 26 3.71 -3.24 6.26
C VAL A 26 4.20 -2.34 7.39
N TYR A 27 5.53 -2.21 7.48
CA TYR A 27 6.19 -1.37 8.47
C TYR A 27 7.54 -0.83 7.96
N GLY A 28 7.66 0.48 7.90
CA GLY A 28 8.91 1.05 7.45
C GLY A 28 8.80 1.89 6.20
N SER A 29 9.74 2.80 6.03
CA SER A 29 9.75 3.65 4.86
C SER A 29 10.77 3.13 3.89
N VAL A 30 10.28 2.44 2.87
CA VAL A 30 11.08 1.87 1.81
C VAL A 30 10.15 1.33 0.74
N GLY A 31 10.69 1.16 -0.46
CA GLY A 31 9.88 0.67 -1.57
C GLY A 31 8.62 1.49 -1.80
N ASN A 32 7.62 0.89 -2.44
CA ASN A 32 6.40 1.62 -2.67
C ASN A 32 5.86 2.19 -1.36
N SER A 33 6.39 1.73 -0.24
CA SER A 33 5.91 2.21 1.06
C SER A 33 6.48 3.58 1.46
N ILE A 34 7.09 4.27 0.50
CA ILE A 34 7.65 5.59 0.77
C ILE A 34 7.68 6.35 -0.56
N ALA A 35 7.72 5.61 -1.66
CA ALA A 35 7.78 6.19 -3.01
C ALA A 35 6.43 6.71 -3.51
N VAL A 36 5.38 5.89 -3.34
CA VAL A 36 4.02 6.24 -3.75
C VAL A 36 3.57 7.55 -3.10
N PRO A 37 3.84 7.73 -1.78
CA PRO A 37 3.46 8.98 -1.09
C PRO A 37 4.30 10.12 -1.66
N ALA A 38 5.55 9.80 -1.98
CA ALA A 38 6.42 10.80 -2.57
C ALA A 38 5.78 11.25 -3.89
N ILE A 39 5.43 10.28 -4.71
CA ILE A 39 4.82 10.56 -6.00
C ILE A 39 3.55 11.41 -5.85
N LYS A 40 2.54 10.86 -5.20
CA LYS A 40 1.28 11.54 -4.98
C LYS A 40 1.45 13.03 -4.71
N GLN A 41 2.46 13.40 -3.93
CA GLN A 41 2.70 14.81 -3.61
C GLN A 41 2.99 15.71 -4.81
N ASN A 42 3.71 15.19 -5.81
CA ASN A 42 4.04 15.97 -7.00
C ASN A 42 2.85 15.98 -7.93
N GLY A 43 1.67 15.70 -7.36
CA GLY A 43 0.46 15.67 -8.16
C GLY A 43 0.47 14.61 -9.25
N LEU A 44 0.71 13.35 -8.88
CA LEU A 44 0.75 12.28 -9.86
C LEU A 44 0.11 10.97 -9.42
N ASN A 45 -0.60 10.33 -10.37
CA ASN A 45 -1.30 9.04 -10.17
C ASN A 45 -0.28 7.94 -10.39
N VAL A 46 -0.48 6.79 -9.76
CA VAL A 46 0.50 5.72 -9.89
C VAL A 46 -0.01 4.33 -9.52
N PHE A 47 0.64 3.30 -10.02
CA PHE A 47 0.25 1.93 -9.69
C PHE A 47 1.48 1.20 -9.17
N ALA A 48 1.35 0.60 -7.98
CA ALA A 48 2.45 -0.13 -7.37
C ALA A 48 2.26 -1.63 -7.42
N VAL A 49 3.07 -2.25 -8.27
CA VAL A 49 3.09 -3.69 -8.46
C VAL A 49 4.27 -4.17 -7.63
N PRO A 50 4.01 -4.76 -6.44
CA PRO A 50 5.00 -5.26 -5.50
C PRO A 50 5.69 -6.54 -5.94
N THR A 51 7.00 -6.59 -5.70
CA THR A 51 7.84 -7.74 -6.04
C THR A 51 7.93 -8.67 -4.85
N VAL A 52 8.28 -8.10 -3.69
CA VAL A 52 8.35 -8.85 -2.43
C VAL A 52 7.36 -8.15 -1.48
N LEU A 53 6.95 -8.83 -0.41
CA LEU A 53 6.02 -8.23 0.54
C LEU A 53 6.33 -8.73 1.93
N LEU A 54 7.19 -8.00 2.63
CA LEU A 54 7.64 -8.35 3.96
C LEU A 54 6.90 -7.66 5.11
N SER A 55 7.45 -7.83 6.31
CA SER A 55 6.93 -7.22 7.54
C SER A 55 7.72 -5.94 7.73
N ASN A 56 9.04 -6.09 7.67
CA ASN A 56 9.98 -5.00 7.81
C ASN A 56 11.18 -5.22 6.91
N THR A 57 12.23 -4.45 7.14
CA THR A 57 13.44 -4.52 6.34
C THR A 57 14.27 -5.63 6.92
N PRO A 58 14.85 -6.50 6.07
CA PRO A 58 15.66 -7.58 6.63
C PRO A 58 16.74 -7.11 7.60
N HIS A 59 17.37 -5.99 7.29
CA HIS A 59 18.42 -5.46 8.14
C HIS A 59 17.98 -5.24 9.59
N TYR A 60 16.68 -5.33 9.86
CA TYR A 60 16.18 -5.12 11.21
C TYR A 60 16.66 -6.19 12.18
N ASP A 61 15.72 -6.76 12.92
CA ASP A 61 16.06 -7.80 13.89
C ASP A 61 15.22 -9.06 13.70
N THR A 62 14.11 -8.94 12.95
CA THR A 62 13.22 -10.09 12.74
C THR A 62 12.79 -10.31 11.29
N PHE A 63 11.80 -9.55 10.83
CA PHE A 63 11.28 -9.61 9.46
C PHE A 63 10.66 -10.92 8.97
N TYR A 64 9.39 -10.85 8.56
CA TYR A 64 8.67 -12.02 8.08
C TYR A 64 8.08 -11.74 6.70
N GLY A 65 7.45 -12.74 6.09
CA GLY A 65 6.90 -12.54 4.76
C GLY A 65 7.93 -12.89 3.70
N GLY A 66 7.51 -13.00 2.44
CA GLY A 66 8.44 -13.36 1.38
C GLY A 66 8.30 -12.59 0.07
N ALA A 67 8.54 -13.27 -1.05
CA ALA A 67 8.45 -12.63 -2.37
C ALA A 67 7.22 -13.06 -3.12
N ILE A 68 6.64 -12.14 -3.87
CA ILE A 68 5.46 -12.44 -4.65
C ILE A 68 5.83 -13.39 -5.80
N PRO A 69 5.21 -14.60 -5.84
CA PRO A 69 5.42 -15.66 -6.82
C PRO A 69 5.37 -15.23 -8.29
N ASP A 70 6.15 -15.90 -9.13
CA ASP A 70 6.18 -15.58 -10.55
C ASP A 70 4.94 -16.16 -11.27
N GLU A 71 3.77 -15.71 -10.86
CA GLU A 71 2.53 -16.16 -11.45
C GLU A 71 1.45 -15.22 -10.98
N TRP A 72 1.69 -14.62 -9.82
CA TRP A 72 0.80 -13.64 -9.23
C TRP A 72 1.36 -12.33 -9.78
N PHE A 73 2.62 -12.06 -9.44
CA PHE A 73 3.31 -10.87 -9.88
C PHE A 73 3.23 -10.68 -11.38
N SER A 74 3.18 -11.79 -12.13
CA SER A 74 3.09 -11.71 -13.58
C SER A 74 1.68 -11.30 -13.98
N GLY A 75 0.71 -11.66 -13.15
CA GLY A 75 -0.68 -11.30 -13.40
C GLY A 75 -0.89 -9.81 -13.19
N TYR A 76 -0.39 -9.30 -12.06
CA TYR A 76 -0.52 -7.89 -11.73
C TYR A 76 -0.20 -7.01 -12.92
N LEU A 77 1.04 -7.03 -13.37
CA LEU A 77 1.35 -6.18 -14.51
C LEU A 77 0.34 -6.45 -15.61
N ARG A 78 0.22 -7.72 -16.01
CA ARG A 78 -0.69 -8.08 -17.07
C ARG A 78 -2.07 -7.51 -16.81
N ALA A 79 -2.48 -7.46 -15.55
CA ALA A 79 -3.81 -6.92 -15.22
C ALA A 79 -3.94 -5.45 -15.63
N LEU A 80 -2.96 -4.65 -15.26
CA LEU A 80 -3.00 -3.25 -15.60
C LEU A 80 -3.25 -3.00 -17.08
N GLN A 81 -3.08 -4.03 -17.89
CA GLN A 81 -3.28 -3.92 -19.35
C GLN A 81 -4.67 -4.33 -19.81
N GLU A 82 -5.27 -5.26 -19.09
CA GLU A 82 -6.60 -5.74 -19.42
C GLU A 82 -7.64 -4.74 -18.88
N ARG A 83 -7.27 -4.12 -17.76
CA ARG A 83 -8.11 -3.14 -17.07
C ARG A 83 -8.08 -1.85 -17.88
N ASP A 84 -7.04 -1.71 -18.68
CA ASP A 84 -6.84 -0.54 -19.51
C ASP A 84 -6.68 0.72 -18.66
N ALA A 85 -5.58 0.80 -17.92
CA ALA A 85 -5.31 1.94 -17.06
C ALA A 85 -3.98 2.59 -17.44
N LEU A 86 -3.43 2.17 -18.57
CA LEU A 86 -2.17 2.70 -19.05
C LEU A 86 -2.39 3.68 -20.21
N ARG A 87 -3.49 4.42 -20.16
CA ARG A 87 -3.85 5.40 -21.20
C ARG A 87 -3.09 6.70 -21.03
N GLN A 88 -2.71 6.98 -19.79
CA GLN A 88 -1.97 8.20 -19.43
C GLN A 88 -0.55 7.87 -18.93
N LEU A 89 -0.14 6.63 -19.16
CA LEU A 89 1.19 6.15 -18.75
C LEU A 89 2.30 6.90 -19.43
N ARG A 90 3.21 7.43 -18.60
CA ARG A 90 4.36 8.19 -19.09
C ARG A 90 5.66 7.60 -18.59
N ALA A 91 5.59 6.67 -17.65
CA ALA A 91 6.80 6.07 -17.13
C ALA A 91 6.63 4.79 -16.34
N VAL A 92 7.73 4.06 -16.21
CA VAL A 92 7.78 2.80 -15.45
C VAL A 92 9.10 2.82 -14.72
N THR A 93 9.07 2.47 -13.43
CA THR A 93 10.29 2.45 -12.63
C THR A 93 10.42 1.14 -11.85
N THR A 94 11.65 0.66 -11.70
CA THR A 94 11.88 -0.57 -10.99
C THR A 94 12.77 -0.37 -9.76
N GLY A 95 12.49 -1.14 -8.71
CA GLY A 95 13.27 -1.06 -7.49
C GLY A 95 13.63 -2.43 -6.92
N TYR A 96 13.67 -2.55 -5.60
CA TYR A 96 14.01 -3.83 -4.96
C TYR A 96 13.28 -5.00 -5.61
N MET A 97 14.04 -5.91 -6.21
CA MET A 97 13.43 -7.08 -6.82
C MET A 97 13.48 -8.29 -5.87
N GLY A 98 12.77 -9.36 -6.24
CA GLY A 98 12.74 -10.53 -5.40
C GLY A 98 13.39 -11.73 -6.02
N THR A 99 13.28 -11.85 -7.35
CA THR A 99 13.85 -12.98 -8.09
C THR A 99 14.16 -12.52 -9.52
N ALA A 100 15.27 -13.02 -10.06
CA ALA A 100 15.69 -12.66 -11.42
C ALA A 100 14.68 -13.13 -12.48
N SER A 101 13.71 -13.93 -12.05
CA SER A 101 12.66 -14.41 -12.95
C SER A 101 11.58 -13.34 -13.03
N GLN A 102 11.31 -12.67 -11.91
CA GLN A 102 10.34 -11.58 -11.90
C GLN A 102 10.88 -10.51 -12.81
N ILE A 103 12.19 -10.28 -12.74
CA ILE A 103 12.81 -9.28 -13.58
C ILE A 103 12.63 -9.65 -15.03
N LYS A 104 12.82 -10.93 -15.35
CA LYS A 104 12.64 -11.33 -16.73
C LYS A 104 11.20 -11.03 -17.08
N ILE A 105 10.28 -11.53 -16.26
CA ILE A 105 8.87 -11.29 -16.48
C ILE A 105 8.59 -9.81 -16.75
N LEU A 106 9.04 -8.97 -15.83
CA LEU A 106 8.89 -7.53 -15.91
C LEU A 106 9.27 -7.00 -17.29
N ALA A 107 10.42 -7.43 -17.78
CA ALA A 107 10.91 -7.00 -19.09
C ALA A 107 9.88 -7.27 -20.17
N GLU A 108 9.56 -8.55 -20.36
CA GLU A 108 8.59 -8.96 -21.37
C GLU A 108 7.38 -8.02 -21.38
N TRP A 109 6.94 -7.60 -20.20
CA TRP A 109 5.80 -6.70 -20.07
C TRP A 109 6.21 -5.34 -20.62
N LEU A 110 7.31 -4.81 -20.12
CA LEU A 110 7.75 -3.53 -20.60
C LEU A 110 7.84 -3.58 -22.10
N THR A 111 8.62 -4.53 -22.63
CA THR A 111 8.83 -4.67 -24.07
C THR A 111 7.58 -4.57 -24.92
N ALA A 112 6.46 -5.08 -24.39
CA ALA A 112 5.22 -5.00 -25.13
C ALA A 112 4.67 -3.58 -25.02
N LEU A 113 4.95 -2.93 -23.90
CA LEU A 113 4.49 -1.58 -23.63
C LEU A 113 4.78 -0.51 -24.69
N ARG A 114 6.05 -0.19 -24.89
CA ARG A 114 6.42 0.86 -25.84
C ARG A 114 5.76 0.78 -27.23
N LYS A 115 5.37 -0.41 -27.66
CA LYS A 115 4.73 -0.56 -28.96
C LYS A 115 3.40 0.21 -29.00
N ASP A 116 2.99 0.72 -27.83
CA ASP A 116 1.76 1.50 -27.71
C ASP A 116 2.14 2.84 -27.11
N HIS A 117 3.21 2.81 -26.32
CA HIS A 117 3.73 3.99 -25.63
C HIS A 117 5.18 4.18 -26.06
N PRO A 118 5.41 4.34 -27.37
CA PRO A 118 6.76 4.53 -27.92
C PRO A 118 7.61 5.58 -27.22
N ASP A 119 6.98 6.48 -26.50
CA ASP A 119 7.69 7.55 -25.81
C ASP A 119 7.80 7.23 -24.31
N LEU A 120 7.75 5.95 -23.97
CA LEU A 120 7.79 5.52 -22.57
C LEU A 120 9.12 5.76 -21.87
N LEU A 121 9.07 6.20 -20.62
CA LEU A 121 10.28 6.42 -19.86
C LEU A 121 10.42 5.27 -18.91
N ILE A 122 11.56 4.59 -18.95
CA ILE A 122 11.83 3.48 -18.07
C ILE A 122 12.97 3.90 -17.15
N MET A 123 12.85 3.61 -15.88
CA MET A 123 13.93 3.99 -15.00
C MET A 123 14.16 2.85 -14.05
N VAL A 124 15.37 2.27 -14.14
CA VAL A 124 15.76 1.14 -13.32
C VAL A 124 16.81 1.48 -12.24
N ASP A 125 16.66 0.88 -11.06
CA ASP A 125 17.61 1.07 -9.96
C ASP A 125 18.13 -0.33 -9.57
N PRO A 126 19.32 -0.69 -10.08
CA PRO A 126 20.08 -1.93 -9.94
C PRO A 126 20.29 -2.51 -8.53
N VAL A 127 19.40 -2.20 -7.60
CA VAL A 127 19.53 -2.71 -6.22
C VAL A 127 20.28 -4.00 -6.09
N ILE A 128 21.57 -3.92 -5.77
CA ILE A 128 22.35 -5.13 -5.58
C ILE A 128 23.46 -5.06 -4.53
N GLY A 129 24.36 -4.10 -4.60
CA GLY A 129 25.42 -4.08 -3.60
C GLY A 129 25.51 -2.88 -2.69
N ASP A 130 26.72 -2.61 -2.22
CA ASP A 130 27.07 -1.49 -1.33
C ASP A 130 28.53 -1.64 -0.91
N ILE A 131 28.95 -0.91 0.13
CA ILE A 131 30.32 -0.98 0.65
C ILE A 131 30.53 -2.18 1.58
N ASP A 132 29.66 -2.29 2.59
CA ASP A 132 29.72 -3.38 3.56
C ASP A 132 29.99 -4.70 2.86
N SER A 133 29.17 -4.97 1.86
CA SER A 133 29.26 -6.18 1.05
C SER A 133 28.16 -6.07 0.02
N GLY A 134 28.47 -6.45 -1.23
CA GLY A 134 27.48 -6.36 -2.28
C GLY A 134 26.69 -7.63 -2.51
N ILE A 135 25.85 -7.58 -3.54
CA ILE A 135 25.01 -8.71 -3.93
C ILE A 135 24.27 -9.32 -2.75
N TYR A 136 23.92 -8.47 -1.77
CA TYR A 136 23.16 -8.91 -0.61
C TYR A 136 21.73 -9.20 -1.05
N VAL A 137 21.60 -9.62 -2.30
CA VAL A 137 20.31 -9.93 -2.89
C VAL A 137 20.49 -11.24 -3.67
N LYS A 138 19.40 -11.77 -4.22
CA LYS A 138 19.47 -13.01 -5.00
C LYS A 138 20.60 -12.91 -6.04
N PRO A 139 21.69 -13.66 -5.85
CA PRO A 139 22.85 -13.66 -6.75
C PRO A 139 22.51 -13.62 -8.25
N ASP A 140 21.37 -14.24 -8.58
CA ASP A 140 20.91 -14.31 -9.96
C ASP A 140 20.42 -12.97 -10.52
N LEU A 141 20.15 -12.02 -9.63
CA LEU A 141 19.65 -10.70 -10.03
C LEU A 141 20.60 -9.88 -10.88
N PRO A 142 21.89 -9.85 -10.53
CA PRO A 142 22.80 -9.03 -11.34
C PRO A 142 22.97 -9.52 -12.78
N GLU A 143 22.63 -10.78 -13.05
CA GLU A 143 22.74 -11.29 -14.41
C GLU A 143 21.49 -10.94 -15.17
N ALA A 144 20.36 -11.06 -14.48
CA ALA A 144 19.05 -10.76 -15.05
C ALA A 144 18.99 -9.27 -15.39
N TYR A 145 19.69 -8.47 -14.60
CA TYR A 145 19.74 -7.04 -14.82
C TYR A 145 20.46 -6.73 -16.13
N ARG A 146 21.68 -7.24 -16.25
CA ARG A 146 22.46 -7.00 -17.45
C ARG A 146 21.91 -7.62 -18.72
N GLN A 147 21.38 -8.83 -18.66
CA GLN A 147 20.85 -9.51 -19.85
C GLN A 147 19.45 -9.05 -20.29
N TYR A 148 18.57 -8.77 -19.33
CA TYR A 148 17.18 -8.42 -19.64
C TYR A 148 16.64 -7.01 -19.37
N LEU A 149 16.83 -6.50 -18.15
CA LEU A 149 16.30 -5.20 -17.76
C LEU A 149 17.12 -3.94 -18.02
N LEU A 150 18.25 -4.07 -18.71
CA LEU A 150 19.10 -2.93 -19.04
C LEU A 150 18.92 -2.51 -20.50
N PRO A 151 18.83 -3.49 -21.42
CA PRO A 151 18.66 -3.19 -22.84
C PRO A 151 17.38 -2.43 -23.10
N LEU A 152 16.77 -1.88 -22.05
CA LEU A 152 15.53 -1.10 -22.19
C LEU A 152 15.59 0.24 -21.46
N ALA A 153 16.21 0.26 -20.29
CA ALA A 153 16.31 1.47 -19.49
C ALA A 153 16.63 2.70 -20.34
N GLN A 154 16.08 3.85 -19.97
CA GLN A 154 16.35 5.10 -20.70
C GLN A 154 17.24 5.94 -19.79
N GLY A 155 17.36 5.51 -18.53
CA GLY A 155 18.18 6.21 -17.57
C GLY A 155 18.16 5.47 -16.25
N ILE A 156 19.31 4.93 -15.83
CA ILE A 156 19.43 4.19 -14.58
C ILE A 156 20.21 4.95 -13.51
N THR A 157 19.96 4.60 -12.25
CA THR A 157 20.57 5.24 -11.08
C THR A 157 21.45 4.28 -10.27
N PRO A 158 22.58 3.81 -10.84
CA PRO A 158 23.40 2.88 -10.04
C PRO A 158 24.45 3.61 -9.21
N ASN A 159 25.07 2.89 -8.28
CA ASN A 159 26.11 3.49 -7.46
C ASN A 159 27.45 2.93 -7.91
N ILE A 160 28.55 3.44 -7.37
CA ILE A 160 29.88 2.96 -7.77
C ILE A 160 30.04 1.43 -7.83
N PHE A 161 29.38 0.71 -6.92
CA PHE A 161 29.49 -0.75 -6.93
C PHE A 161 28.41 -1.39 -7.79
N GLU A 162 27.22 -0.80 -7.81
CA GLU A 162 26.16 -1.33 -8.64
C GLU A 162 26.56 -1.06 -10.10
N LEU A 163 27.58 -0.22 -10.30
CA LEU A 163 28.05 0.08 -11.65
C LEU A 163 29.20 -0.80 -12.04
N GLU A 164 29.92 -1.31 -11.04
CA GLU A 164 31.05 -2.17 -11.30
C GLU A 164 30.54 -3.51 -11.69
N ILE A 165 29.45 -3.92 -11.07
CA ILE A 165 28.84 -5.21 -11.35
C ILE A 165 28.23 -5.23 -12.76
N LEU A 166 27.53 -4.16 -13.10
CA LEU A 166 26.88 -4.04 -14.40
C LEU A 166 27.81 -3.95 -15.60
N THR A 167 28.91 -3.22 -15.47
CA THR A 167 29.83 -3.04 -16.58
C THR A 167 30.98 -4.05 -16.57
N GLY A 168 31.25 -4.62 -15.40
CA GLY A 168 32.36 -5.53 -15.27
C GLY A 168 33.56 -4.66 -15.57
N LYS A 169 33.38 -3.36 -15.31
CA LYS A 169 34.40 -2.38 -15.60
C LYS A 169 35.01 -1.64 -14.41
N ASN A 170 35.47 -0.43 -14.74
CA ASN A 170 36.14 0.51 -13.85
C ASN A 170 35.67 0.61 -12.40
N CYS A 171 36.55 1.18 -11.59
CA CYS A 171 36.32 1.31 -10.17
C CYS A 171 36.23 2.71 -9.57
N ARG A 172 37.05 2.93 -8.55
CA ARG A 172 37.10 4.16 -7.77
C ARG A 172 37.54 5.49 -8.38
N ASP A 173 37.90 5.53 -9.66
CA ASP A 173 38.32 6.79 -10.27
C ASP A 173 37.12 7.47 -10.96
N LEU A 174 36.80 8.66 -10.47
CA LEU A 174 35.69 9.44 -11.00
C LEU A 174 35.66 9.34 -12.49
N ASP A 175 36.84 9.38 -13.12
CA ASP A 175 36.90 9.28 -14.57
C ASP A 175 36.56 7.86 -14.96
N SER A 176 37.33 6.92 -14.41
CA SER A 176 37.09 5.52 -14.69
C SER A 176 35.58 5.29 -14.65
N ALA A 177 34.90 5.95 -13.71
CA ALA A 177 33.43 5.84 -13.55
C ALA A 177 32.67 6.41 -14.73
N ILE A 178 32.98 7.66 -15.05
CA ILE A 178 32.33 8.36 -16.15
C ILE A 178 32.53 7.55 -17.42
N ALA A 179 33.73 6.99 -17.57
CA ALA A 179 34.01 6.17 -18.73
C ALA A 179 32.95 5.07 -18.73
N ALA A 180 33.09 4.14 -17.79
CA ALA A 180 32.17 3.02 -17.63
C ALA A 180 30.72 3.44 -17.87
N ALA A 181 30.33 4.60 -17.35
CA ALA A 181 28.96 5.07 -17.57
C ALA A 181 28.81 5.32 -19.05
N LYS A 182 29.75 6.07 -19.62
CA LYS A 182 29.75 6.40 -21.04
C LYS A 182 29.61 5.14 -21.89
N SER A 183 30.39 4.11 -21.56
CA SER A 183 30.35 2.86 -22.31
C SER A 183 28.97 2.21 -22.23
N LEU A 184 28.10 2.74 -21.38
CA LEU A 184 26.78 2.17 -21.23
C LEU A 184 25.72 2.87 -22.06
N LEU A 185 25.91 4.15 -22.32
CA LEU A 185 24.93 4.90 -23.09
C LEU A 185 24.71 4.23 -24.44
N SER A 186 23.70 4.68 -25.17
CA SER A 186 23.39 4.15 -26.50
C SER A 186 22.11 4.79 -27.05
N ASP A 187 21.45 4.15 -28.01
CA ASP A 187 20.23 4.74 -28.57
C ASP A 187 19.10 4.79 -27.57
N THR A 188 18.96 3.73 -26.77
CA THR A 188 17.88 3.68 -25.79
C THR A 188 18.28 4.41 -24.50
N LEU A 189 19.33 3.94 -23.86
CA LEU A 189 19.81 4.55 -22.63
C LEU A 189 20.22 5.98 -22.95
N LYS A 190 19.54 6.97 -22.41
CA LYS A 190 19.90 8.36 -22.69
C LYS A 190 20.82 8.93 -21.63
N TRP A 191 20.67 8.48 -20.39
CA TRP A 191 21.50 9.00 -19.32
C TRP A 191 21.82 8.01 -18.20
N VAL A 192 22.65 8.45 -17.25
CA VAL A 192 23.04 7.60 -16.14
C VAL A 192 23.43 8.42 -14.91
N VAL A 193 22.79 8.15 -13.78
CA VAL A 193 23.13 8.86 -12.54
C VAL A 193 23.92 7.99 -11.55
N VAL A 194 25.25 8.08 -11.67
CA VAL A 194 26.17 7.32 -10.82
C VAL A 194 26.26 7.91 -9.42
N THR A 195 26.17 7.06 -8.41
CA THR A 195 26.21 7.54 -7.03
C THR A 195 27.29 6.94 -6.15
N SER A 196 27.58 7.62 -5.05
CA SER A 196 28.56 7.16 -4.06
C SER A 196 28.69 8.23 -2.98
N GLU A 205 24.98 9.07 -1.67
CA GLU A 205 24.78 10.48 -2.09
C GLU A 205 25.56 11.50 -1.25
N MET A 206 26.71 11.88 -1.79
CA MET A 206 27.63 12.85 -1.20
C MET A 206 28.32 13.42 -2.44
N GLN A 207 28.29 12.59 -3.48
CA GLN A 207 28.86 12.89 -4.77
C GLN A 207 27.94 12.22 -5.78
N VAL A 208 27.33 13.00 -6.66
CA VAL A 208 26.47 12.44 -7.70
C VAL A 208 26.90 12.96 -9.07
N VAL A 209 27.23 12.03 -9.96
CA VAL A 209 27.68 12.40 -11.30
C VAL A 209 26.57 12.15 -12.32
N VAL A 210 26.29 13.14 -13.14
CA VAL A 210 25.28 12.95 -14.17
C VAL A 210 26.02 12.83 -15.49
N VAL A 211 25.89 11.67 -16.12
CA VAL A 211 26.54 11.44 -17.41
C VAL A 211 25.54 11.34 -18.55
N THR A 212 25.44 12.41 -19.33
CA THR A 212 24.52 12.46 -20.47
C THR A 212 25.20 11.83 -21.68
N ALA A 213 24.42 11.60 -22.75
CA ALA A 213 24.92 11.01 -24.00
C ALA A 213 26.08 11.84 -24.56
N ASP A 214 26.24 13.04 -24.05
CA ASP A 214 27.31 13.93 -24.47
C ASP A 214 27.30 15.12 -23.52
N SER A 215 28.11 15.03 -22.45
CA SER A 215 28.26 16.04 -21.40
C SER A 215 28.37 15.36 -20.03
N VAL A 216 28.91 16.07 -19.05
CA VAL A 216 29.05 15.51 -17.71
C VAL A 216 28.84 16.55 -16.60
N ASN A 217 27.93 16.25 -15.66
CA ASN A 217 27.63 17.15 -14.54
C ASN A 217 27.91 16.46 -13.20
N VAL A 218 28.54 17.16 -12.26
CA VAL A 218 28.84 16.56 -10.97
C VAL A 218 28.32 17.33 -9.75
N ILE A 219 27.09 17.02 -9.34
CA ILE A 219 26.46 17.66 -8.18
C ILE A 219 27.05 17.09 -6.89
N SER A 220 27.09 17.90 -5.85
CA SER A 220 27.64 17.46 -4.58
C SER A 220 27.17 18.24 -3.35
N HIS A 221 26.58 17.52 -2.39
CA HIS A 221 26.09 18.09 -1.15
C HIS A 221 26.86 17.36 -0.04
N SER A 222 26.43 17.54 1.21
CA SER A 222 27.09 16.88 2.34
C SER A 222 26.06 16.05 3.11
N ARG A 223 26.27 14.73 3.15
CA ARG A 223 25.36 13.79 3.82
C ARG A 223 25.72 13.51 5.28
N VAL A 224 24.68 13.32 6.11
CA VAL A 224 24.84 13.03 7.54
C VAL A 224 24.94 11.52 7.80
N LYS A 225 25.28 11.14 9.03
CA LYS A 225 25.42 9.73 9.39
C LYS A 225 24.14 9.12 9.97
N THR A 226 23.68 8.04 9.34
CA THR A 226 22.47 7.33 9.77
C THR A 226 22.23 6.07 8.96
N ASP A 227 21.63 5.07 9.59
CA ASP A 227 21.35 3.82 8.91
C ASP A 227 19.95 3.75 8.27
N LEU A 228 19.30 4.90 8.11
CA LEU A 228 17.95 4.95 7.51
C LEU A 228 17.94 4.45 6.08
N LYS A 229 17.05 3.51 5.78
CA LYS A 229 16.95 2.97 4.42
C LYS A 229 15.70 3.50 3.73
N GLY A 230 15.82 3.80 2.45
CA GLY A 230 14.71 4.34 1.69
C GLY A 230 15.08 5.56 0.87
N THR A 231 16.10 6.28 1.33
CA THR A 231 16.55 7.48 0.65
C THR A 231 16.64 7.15 -0.83
N GLY A 232 17.18 5.99 -1.17
CA GLY A 232 17.31 5.62 -2.57
C GLY A 232 15.96 5.62 -3.27
N ASP A 233 14.95 5.14 -2.56
CA ASP A 233 13.61 5.08 -3.08
C ASP A 233 13.00 6.49 -3.07
N LEU A 234 13.35 7.29 -2.07
CA LEU A 234 12.84 8.67 -1.98
C LEU A 234 13.38 9.42 -3.20
N PHE A 235 14.70 9.48 -3.26
CA PHE A 235 15.47 10.12 -4.33
C PHE A 235 14.88 9.77 -5.68
N CYS A 236 14.99 8.50 -6.06
CA CYS A 236 14.48 8.02 -7.34
C CYS A 236 13.06 8.50 -7.63
N ALA A 237 12.22 8.43 -6.61
CA ALA A 237 10.83 8.87 -6.69
C ALA A 237 10.76 10.36 -7.06
N GLN A 238 11.46 11.18 -6.30
CA GLN A 238 11.48 12.61 -6.56
C GLN A 238 12.12 12.90 -7.92
N LEU A 239 12.90 11.95 -8.41
CA LEU A 239 13.55 12.15 -9.69
C LEU A 239 12.55 11.96 -10.83
N ILE A 240 11.80 10.87 -10.82
CA ILE A 240 10.83 10.65 -11.89
C ILE A 240 9.78 11.73 -11.83
N SER A 241 9.58 12.32 -10.66
CA SER A 241 8.58 13.38 -10.51
C SER A 241 8.98 14.65 -11.26
N GLY A 242 10.17 15.15 -11.01
CA GLY A 242 10.61 16.33 -11.71
C GLY A 242 10.76 16.10 -13.19
N LEU A 243 11.15 14.89 -13.57
CA LEU A 243 11.32 14.56 -14.98
C LEU A 243 9.97 14.47 -15.67
N LEU A 244 9.00 13.89 -14.98
CA LEU A 244 7.67 13.78 -15.57
C LEU A 244 6.91 15.07 -15.33
N LYS A 245 7.63 16.15 -15.00
CA LYS A 245 7.02 17.45 -14.74
C LYS A 245 7.65 18.58 -15.53
N GLY A 246 8.66 18.25 -16.33
CA GLY A 246 9.30 19.26 -17.16
C GLY A 246 10.60 19.86 -16.69
N LYS A 247 11.26 19.20 -15.74
CA LYS A 247 12.53 19.69 -15.22
C LYS A 247 13.63 19.07 -16.06
N ALA A 248 14.73 19.81 -16.28
CA ALA A 248 15.82 19.26 -17.06
C ALA A 248 16.47 18.17 -16.22
N LEU A 249 17.25 17.29 -16.86
CA LEU A 249 17.93 16.21 -16.15
C LEU A 249 18.64 16.75 -14.92
N THR A 250 19.85 17.28 -15.10
CA THR A 250 20.59 17.78 -13.95
C THR A 250 19.69 18.58 -13.00
N ASP A 251 18.93 19.53 -13.52
CA ASP A 251 18.07 20.29 -12.61
C ASP A 251 17.24 19.33 -11.77
N ALA A 252 16.53 18.41 -12.46
CA ALA A 252 15.70 17.43 -11.78
C ALA A 252 16.44 16.69 -10.67
N VAL A 253 17.59 16.10 -11.02
CA VAL A 253 18.43 15.35 -10.07
C VAL A 253 18.72 16.17 -8.83
N HIS A 254 19.22 17.38 -9.05
CA HIS A 254 19.58 18.24 -7.94
C HIS A 254 18.43 18.42 -6.97
N ARG A 255 17.20 18.34 -7.47
CA ARG A 255 16.05 18.51 -6.61
C ARG A 255 15.69 17.22 -5.87
N ALA A 256 15.54 16.13 -6.60
CA ALA A 256 15.19 14.87 -5.96
C ALA A 256 16.22 14.56 -4.88
N GLY A 257 17.45 15.06 -5.08
CA GLY A 257 18.51 14.82 -4.11
C GLY A 257 18.44 15.74 -2.91
N LEU A 258 18.19 17.02 -3.14
CA LEU A 258 18.07 17.97 -2.05
C LEU A 258 16.91 17.55 -1.17
N ARG A 259 15.83 17.11 -1.82
CA ARG A 259 14.59 16.69 -1.16
C ARG A 259 14.87 15.62 -0.13
N VAL A 260 15.63 14.62 -0.54
CA VAL A 260 15.96 13.49 0.31
C VAL A 260 16.83 13.90 1.50
N LEU A 261 17.60 14.96 1.35
CA LEU A 261 18.42 15.41 2.47
C LEU A 261 17.43 16.05 3.41
N GLU A 262 16.45 16.74 2.83
CA GLU A 262 15.40 17.38 3.60
C GLU A 262 14.75 16.27 4.42
N VAL A 263 13.93 15.48 3.72
CA VAL A 263 13.22 14.37 4.32
C VAL A 263 13.96 13.74 5.49
N MET A 264 15.26 13.49 5.31
CA MET A 264 16.08 12.89 6.37
C MET A 264 16.19 13.77 7.61
N ARG A 265 16.32 15.08 7.44
CA ARG A 265 16.41 15.96 8.59
C ARG A 265 15.15 15.80 9.43
N TYR A 266 14.01 16.00 8.78
CA TYR A 266 12.71 15.92 9.45
C TYR A 266 12.49 14.64 10.25
N THR A 267 13.07 13.53 9.85
CA THR A 267 12.85 12.33 10.61
C THR A 267 13.88 12.26 11.74
N GLN A 268 14.99 12.97 11.58
CA GLN A 268 16.01 13.00 12.63
C GLN A 268 15.44 13.95 13.69
N GLN A 269 14.86 15.05 13.22
CA GLN A 269 14.26 16.04 14.09
C GLN A 269 13.10 15.36 14.79
N HIS A 270 12.43 14.48 14.05
CA HIS A 270 11.28 13.76 14.57
C HIS A 270 11.71 12.61 15.45
N GLU A 271 13.00 12.30 15.47
CA GLU A 271 13.47 11.21 16.31
C GLU A 271 12.68 9.97 15.90
N SER A 272 12.99 9.39 14.74
CA SER A 272 12.28 8.20 14.28
C SER A 272 13.14 7.46 13.26
N ASP A 273 13.47 6.21 13.57
CA ASP A 273 14.30 5.38 12.69
C ASP A 273 13.57 4.95 11.43
N GLU A 274 12.71 5.81 10.93
CA GLU A 274 11.96 5.55 9.71
C GLU A 274 11.59 6.87 9.05
N LEU A 275 11.69 6.93 7.73
CA LEU A 275 11.35 8.14 6.99
C LEU A 275 9.94 8.69 7.25
N ILE A 276 9.80 10.00 7.15
CA ILE A 276 8.51 10.63 7.38
C ILE A 276 8.28 11.73 6.34
N LEU A 277 7.40 11.46 5.38
CA LEU A 277 7.11 12.41 4.34
C LEU A 277 6.52 13.72 4.84
N PRO A 278 7.31 14.79 4.83
CA PRO A 278 6.78 16.07 5.30
C PRO A 278 5.85 16.57 4.19
N PRO A 279 5.45 17.84 4.22
CA PRO A 279 4.57 18.29 3.15
C PRO A 279 5.22 18.27 1.76
N LEU A 280 4.66 19.07 0.85
CA LEU A 280 5.12 19.18 -0.53
C LEU A 280 6.57 19.64 -0.65
N ASN B 8 7.46 4.26 30.99
CA ASN B 8 8.02 3.69 29.72
C ASN B 8 8.77 4.73 28.90
N ASP B 9 9.92 4.35 28.35
CA ASP B 9 10.74 5.23 27.53
C ASP B 9 10.10 5.42 26.14
N LYS B 10 10.32 6.58 25.54
CA LYS B 10 9.76 6.91 24.23
C LYS B 10 10.11 5.86 23.17
N SER B 11 9.18 5.62 22.25
CA SER B 11 9.36 4.64 21.19
C SER B 11 9.82 5.32 19.92
N ARG B 12 11.09 5.15 19.57
CA ARG B 12 11.61 5.77 18.38
C ARG B 12 11.22 5.00 17.13
N ALA B 13 10.03 4.39 17.14
CA ALA B 13 9.52 3.64 15.99
C ALA B 13 8.20 4.26 15.49
N LEU B 14 7.79 3.88 14.29
CA LEU B 14 6.54 4.41 13.71
C LEU B 14 5.35 4.02 14.59
N GLN B 15 4.35 4.89 14.64
CA GLN B 15 3.17 4.62 15.45
C GLN B 15 1.92 4.85 14.61
N ALA B 16 0.77 4.45 15.16
CA ALA B 16 -0.52 4.61 14.50
C ALA B 16 -1.68 4.20 15.39
N ASP B 17 -2.82 4.85 15.15
CA ASP B 17 -4.05 4.65 15.89
C ASP B 17 -4.82 3.39 15.50
N ILE B 18 -4.70 2.98 14.24
CA ILE B 18 -5.38 1.79 13.75
C ILE B 18 -4.39 0.81 13.15
N VAL B 19 -4.82 -0.45 13.02
CA VAL B 19 -4.03 -1.53 12.43
C VAL B 19 -4.99 -2.26 11.52
N ALA B 20 -5.68 -1.49 10.67
CA ALA B 20 -6.66 -2.05 9.75
C ALA B 20 -6.14 -3.36 9.18
N VAL B 21 -7.04 -4.32 8.96
CA VAL B 21 -6.65 -5.61 8.40
C VAL B 21 -7.67 -6.16 7.43
N GLN B 22 -7.30 -6.21 6.16
CA GLN B 22 -8.18 -6.72 5.11
C GLN B 22 -7.47 -6.90 3.78
N SER B 23 -8.20 -6.81 2.67
CA SER B 23 -7.62 -6.97 1.34
C SER B 23 -6.78 -5.77 0.92
N GLN B 24 -6.19 -5.86 -0.27
CA GLN B 24 -5.36 -4.81 -0.85
C GLN B 24 -5.19 -5.04 -2.36
N VAL B 25 -5.86 -4.26 -3.20
CA VAL B 25 -5.78 -4.43 -4.65
C VAL B 25 -4.86 -3.49 -5.41
N VAL B 26 -3.95 -4.05 -6.21
CA VAL B 26 -2.99 -3.26 -7.00
C VAL B 26 -3.74 -2.17 -7.73
N TYR B 27 -4.77 -2.58 -8.46
CA TYR B 27 -5.63 -1.69 -9.23
C TYR B 27 -6.98 -1.59 -8.52
N GLY B 28 -7.36 -0.42 -8.00
CA GLY B 28 -8.67 -0.34 -7.37
C GLY B 28 -8.96 0.40 -6.08
N SER B 29 -10.22 0.33 -5.67
CA SER B 29 -10.67 0.99 -4.47
C SER B 29 -11.50 0.11 -3.52
N VAL B 30 -10.89 -0.95 -3.00
CA VAL B 30 -11.54 -1.86 -2.07
C VAL B 30 -10.52 -2.11 -0.98
N GLY B 31 -10.99 -2.38 0.24
CA GLY B 31 -10.07 -2.62 1.33
C GLY B 31 -9.11 -1.46 1.63
N ASN B 32 -8.01 -1.77 2.31
CA ASN B 32 -7.03 -0.76 2.66
C ASN B 32 -6.75 0.14 1.47
N SER B 33 -6.78 -0.43 0.27
CA SER B 33 -6.52 0.34 -0.94
C SER B 33 -7.41 1.59 -0.99
N ILE B 34 -8.44 1.62 -0.14
CA ILE B 34 -9.34 2.74 -0.10
C ILE B 34 -9.59 3.16 1.33
N ALA B 35 -9.20 2.29 2.24
CA ALA B 35 -9.38 2.56 3.65
C ALA B 35 -8.27 3.49 4.10
N VAL B 36 -7.03 3.00 3.99
CA VAL B 36 -5.84 3.75 4.36
C VAL B 36 -5.89 5.18 3.86
N PRO B 37 -6.46 5.39 2.67
CA PRO B 37 -6.55 6.74 2.12
C PRO B 37 -7.63 7.53 2.86
N ALA B 38 -8.79 6.88 3.01
CA ALA B 38 -9.92 7.48 3.70
C ALA B 38 -9.43 7.88 5.10
N ILE B 39 -8.87 6.91 5.81
CA ILE B 39 -8.33 7.11 7.16
C ILE B 39 -7.42 8.32 7.14
N LYS B 40 -6.30 8.15 6.42
CA LYS B 40 -5.29 9.17 6.25
C LYS B 40 -5.83 10.58 6.06
N GLN B 41 -7.02 10.70 5.48
CA GLN B 41 -7.61 12.01 5.24
C GLN B 41 -8.07 12.73 6.49
N ASN B 42 -8.47 11.95 7.49
CA ASN B 42 -8.95 12.51 8.75
C ASN B 42 -7.75 12.77 9.66
N GLY B 43 -6.58 12.70 9.07
CA GLY B 43 -5.35 12.91 9.80
C GLY B 43 -5.06 11.81 10.80
N LEU B 44 -5.29 10.57 10.37
CA LEU B 44 -5.07 9.39 11.21
C LEU B 44 -4.07 8.42 10.58
N ASN B 45 -3.00 8.13 11.31
CA ASN B 45 -1.96 7.20 10.85
C ASN B 45 -2.55 5.79 10.91
N VAL B 46 -1.88 4.84 10.26
CA VAL B 46 -2.39 3.47 10.27
C VAL B 46 -1.49 2.44 9.61
N PHE B 47 -1.46 1.24 10.20
CA PHE B 47 -0.67 0.14 9.65
C PHE B 47 -1.68 -0.83 9.07
N ALA B 48 -1.65 -1.03 7.76
CA ALA B 48 -2.59 -1.96 7.15
C ALA B 48 -1.91 -3.32 6.93
N VAL B 49 -2.57 -4.38 7.39
CA VAL B 49 -2.02 -5.71 7.22
C VAL B 49 -2.85 -6.47 6.20
N PRO B 50 -2.24 -6.80 5.05
CA PRO B 50 -2.89 -7.51 3.96
C PRO B 50 -3.48 -8.83 4.38
N THR B 51 -4.37 -9.36 3.57
CA THR B 51 -5.01 -10.64 3.87
C THR B 51 -4.99 -11.44 2.57
N VAL B 52 -4.99 -10.70 1.47
CA VAL B 52 -4.96 -11.21 0.12
C VAL B 52 -4.33 -10.11 -0.71
N LEU B 53 -3.83 -10.45 -1.90
CA LEU B 53 -3.23 -9.45 -2.75
C LEU B 53 -3.63 -9.75 -4.19
N LEU B 54 -4.74 -9.16 -4.59
CA LEU B 54 -5.28 -9.35 -5.91
C LEU B 54 -5.14 -8.14 -6.79
N SER B 55 -4.85 -8.43 -8.05
CA SER B 55 -4.72 -7.42 -9.07
C SER B 55 -5.82 -6.38 -9.00
N ASN B 56 -7.07 -6.84 -8.92
CA ASN B 56 -8.24 -5.97 -8.89
C ASN B 56 -9.22 -6.82 -8.13
N THR B 57 -10.48 -6.41 -8.06
CA THR B 57 -11.46 -7.26 -7.35
C THR B 57 -11.98 -8.35 -8.27
N PRO B 58 -12.33 -9.48 -7.68
CA PRO B 58 -12.83 -10.63 -8.43
C PRO B 58 -14.00 -10.35 -9.38
N HIS B 59 -14.78 -9.33 -9.05
CA HIS B 59 -15.95 -8.98 -9.84
C HIS B 59 -15.64 -8.25 -11.14
N TYR B 60 -14.59 -8.71 -11.83
CA TYR B 60 -14.18 -8.13 -13.11
C TYR B 60 -14.01 -9.26 -14.10
N ASP B 61 -13.67 -8.93 -15.34
CA ASP B 61 -13.48 -9.95 -16.36
C ASP B 61 -12.33 -10.87 -15.93
N THR B 62 -11.31 -10.28 -15.30
CA THR B 62 -10.16 -11.04 -14.83
C THR B 62 -9.46 -10.46 -13.60
N PHE B 63 -8.91 -11.35 -12.79
CA PHE B 63 -8.21 -10.97 -11.57
C PHE B 63 -7.16 -12.02 -11.20
N TYR B 64 -6.00 -11.53 -10.81
CA TYR B 64 -4.87 -12.40 -10.41
C TYR B 64 -4.52 -12.19 -8.94
N GLY B 65 -3.81 -13.17 -8.38
CA GLY B 65 -3.43 -13.09 -6.98
C GLY B 65 -4.08 -14.16 -6.12
N GLY B 66 -3.84 -14.10 -4.81
CA GLY B 66 -4.42 -15.08 -3.92
C GLY B 66 -4.54 -14.57 -2.49
N ALA B 67 -4.16 -15.39 -1.54
CA ALA B 67 -4.25 -15.01 -0.13
C ALA B 67 -2.95 -15.26 0.61
N ILE B 68 -2.58 -14.28 1.43
CA ILE B 68 -1.36 -14.28 2.24
C ILE B 68 -1.13 -15.53 3.08
N PRO B 69 0.08 -16.07 3.03
CA PRO B 69 0.50 -17.28 3.76
C PRO B 69 0.40 -17.12 5.27
N ASP B 70 -0.38 -17.99 5.91
CA ASP B 70 -0.56 -17.95 7.38
C ASP B 70 0.69 -17.41 8.05
N GLU B 71 1.80 -18.07 7.74
CA GLU B 71 3.12 -17.73 8.26
C GLU B 71 3.44 -16.24 8.03
N TRP B 72 3.24 -15.79 6.79
CA TRP B 72 3.48 -14.39 6.47
C TRP B 72 2.52 -13.64 7.36
N PHE B 73 1.23 -13.85 7.07
CA PHE B 73 0.10 -13.27 7.78
C PHE B 73 0.30 -13.19 9.29
N SER B 74 1.03 -14.15 9.83
CA SER B 74 1.30 -14.17 11.26
C SER B 74 2.49 -13.25 11.55
N GLY B 75 3.65 -13.62 11.00
CA GLY B 75 4.85 -12.83 11.19
C GLY B 75 4.53 -11.36 11.05
N TYR B 76 3.68 -11.06 10.08
CA TYR B 76 3.26 -9.69 9.85
C TYR B 76 2.74 -9.10 11.15
N LEU B 77 1.76 -9.78 11.75
CA LEU B 77 1.19 -9.33 13.01
C LEU B 77 2.29 -9.26 14.07
N ARG B 78 2.82 -10.43 14.41
CA ARG B 78 3.87 -10.49 15.41
C ARG B 78 4.84 -9.33 15.16
N ALA B 79 5.15 -9.08 13.91
CA ALA B 79 6.06 -8.01 13.57
C ALA B 79 5.79 -6.74 14.37
N LEU B 80 4.78 -5.98 13.95
CA LEU B 80 4.42 -4.72 14.62
C LEU B 80 4.81 -4.63 16.09
N GLN B 81 4.65 -5.74 16.81
CA GLN B 81 4.99 -5.77 18.24
C GLN B 81 6.48 -5.82 18.49
N GLU B 82 7.16 -6.77 17.85
CA GLU B 82 8.60 -6.87 18.02
C GLU B 82 9.24 -5.53 17.63
N ARG B 83 8.54 -4.77 16.80
CA ARG B 83 9.03 -3.47 16.36
C ARG B 83 8.59 -2.40 17.35
N ASP B 84 7.57 -2.71 18.15
CA ASP B 84 7.10 -1.76 19.15
C ASP B 84 6.54 -0.49 18.52
N ALA B 85 5.58 -0.67 17.63
CA ALA B 85 4.94 0.45 16.95
C ALA B 85 3.44 0.54 17.26
N LEU B 86 3.03 0.08 18.44
CA LEU B 86 1.62 0.10 18.82
C LEU B 86 1.24 0.99 20.02
N ARG B 87 2.22 1.63 20.65
CA ARG B 87 1.93 2.48 21.80
C ARG B 87 0.73 3.40 21.63
N GLN B 88 0.54 3.94 20.43
CA GLN B 88 -0.57 4.85 20.16
C GLN B 88 -1.83 4.17 19.64
N LEU B 89 -1.79 2.85 19.44
CA LEU B 89 -2.95 2.14 18.92
C LEU B 89 -4.19 2.37 19.78
N ARG B 90 -5.36 2.17 19.19
CA ARG B 90 -6.59 2.35 19.92
C ARG B 90 -7.63 1.38 19.38
N ALA B 91 -7.49 1.01 18.11
CA ALA B 91 -8.43 0.11 17.49
C ALA B 91 -7.76 -1.06 16.79
N VAL B 92 -8.51 -1.63 15.84
CA VAL B 92 -8.09 -2.75 15.00
C VAL B 92 -9.35 -3.16 14.26
N THR B 93 -9.32 -3.12 12.94
CA THR B 93 -10.53 -3.47 12.19
C THR B 93 -10.35 -4.53 11.12
N THR B 94 -11.15 -5.58 11.22
CA THR B 94 -11.08 -6.65 10.26
C THR B 94 -11.82 -6.30 9.00
N GLY B 95 -11.61 -7.12 7.97
CA GLY B 95 -12.25 -6.91 6.69
C GLY B 95 -12.25 -8.24 5.96
N TYR B 96 -12.61 -8.25 4.69
CA TYR B 96 -12.62 -9.49 3.92
C TYR B 96 -11.37 -10.30 4.29
N MET B 97 -11.59 -11.52 4.74
CA MET B 97 -10.52 -12.42 5.15
C MET B 97 -10.31 -13.52 4.11
N GLY B 98 -9.06 -13.91 3.91
CA GLY B 98 -8.78 -14.95 2.93
C GLY B 98 -9.19 -16.34 3.39
N THR B 99 -8.56 -16.78 4.49
CA THR B 99 -8.81 -18.09 5.09
C THR B 99 -9.75 -18.08 6.30
N ALA B 100 -9.44 -18.95 7.25
CA ALA B 100 -10.20 -19.08 8.49
C ALA B 100 -9.17 -19.19 9.58
N SER B 101 -8.01 -19.71 9.19
CA SER B 101 -6.89 -19.89 10.09
C SER B 101 -6.41 -18.49 10.43
N GLN B 102 -6.41 -17.63 9.42
CA GLN B 102 -5.98 -16.28 9.64
C GLN B 102 -6.72 -15.72 10.84
N ILE B 103 -8.05 -15.85 10.81
CA ILE B 103 -8.88 -15.34 11.87
C ILE B 103 -8.44 -15.88 13.22
N LYS B 104 -8.18 -17.18 13.27
CA LYS B 104 -7.72 -17.75 14.53
C LYS B 104 -6.50 -16.95 14.97
N ILE B 105 -5.50 -16.89 14.11
CA ILE B 105 -4.27 -16.16 14.43
C ILE B 105 -4.60 -14.72 14.80
N LEU B 106 -5.17 -13.97 13.86
CA LEU B 106 -5.55 -12.56 14.11
C LEU B 106 -6.19 -12.50 15.49
N ALA B 107 -6.96 -13.54 15.81
CA ALA B 107 -7.59 -13.57 17.12
C ALA B 107 -6.44 -13.62 18.12
N GLU B 108 -5.79 -14.77 18.21
CA GLU B 108 -4.69 -14.97 19.13
C GLU B 108 -3.95 -13.66 19.37
N TRP B 109 -3.38 -13.10 18.32
CA TRP B 109 -2.65 -11.83 18.40
C TRP B 109 -3.51 -10.86 19.19
N LEU B 110 -4.70 -10.58 18.69
CA LEU B 110 -5.56 -9.65 19.40
C LEU B 110 -5.56 -10.00 20.87
N THR B 111 -5.87 -11.27 21.16
CA THR B 111 -5.92 -11.74 22.53
C THR B 111 -4.72 -11.23 23.27
N ALA B 112 -3.55 -11.32 22.65
CA ALA B 112 -2.31 -10.86 23.29
C ALA B 112 -2.41 -9.36 23.51
N LEU B 113 -2.48 -8.62 22.41
CA LEU B 113 -2.56 -7.17 22.50
C LEU B 113 -3.51 -6.75 23.60
N ARG B 114 -4.69 -7.34 23.63
CA ARG B 114 -5.71 -6.98 24.61
C ARG B 114 -5.26 -7.02 26.06
N LYS B 115 -3.99 -7.31 26.31
CA LYS B 115 -3.48 -7.35 27.67
C LYS B 115 -2.72 -6.09 28.05
N ASP B 116 -2.17 -5.40 27.06
CA ASP B 116 -1.42 -4.18 27.31
C ASP B 116 -2.23 -2.97 26.87
N HIS B 117 -3.32 -3.23 26.18
CA HIS B 117 -4.16 -2.18 25.66
C HIS B 117 -5.60 -2.48 26.00
N PRO B 118 -5.96 -2.46 27.30
CA PRO B 118 -7.30 -2.73 27.81
C PRO B 118 -8.40 -1.86 27.17
N ASP B 119 -8.00 -0.71 26.63
CA ASP B 119 -8.94 0.21 26.01
C ASP B 119 -8.90 0.10 24.50
N LEU B 120 -8.79 -1.13 24.01
CA LEU B 120 -8.70 -1.37 22.58
C LEU B 120 -10.03 -1.74 21.95
N LEU B 121 -10.49 -0.89 21.04
CA LEU B 121 -11.76 -1.13 20.36
C LEU B 121 -11.53 -1.95 19.10
N ILE B 122 -12.14 -3.11 19.08
CA ILE B 122 -12.00 -4.02 17.98
C ILE B 122 -13.26 -4.03 17.15
N MET B 123 -13.15 -3.59 15.92
CA MET B 123 -14.32 -3.55 15.06
C MET B 123 -14.19 -4.75 14.12
N VAL B 124 -15.30 -5.41 13.80
CA VAL B 124 -15.24 -6.57 12.93
C VAL B 124 -16.38 -6.72 11.91
N ASP B 125 -16.06 -6.64 10.63
CA ASP B 125 -17.06 -6.78 9.57
C ASP B 125 -17.10 -8.25 9.17
N PRO B 126 -18.26 -8.88 9.28
CA PRO B 126 -18.49 -10.28 8.94
C PRO B 126 -18.54 -10.54 7.45
N VAL B 127 -17.51 -10.06 6.73
CA VAL B 127 -17.47 -10.25 5.29
C VAL B 127 -17.61 -11.73 4.95
N ILE B 128 -18.82 -12.17 4.62
CA ILE B 128 -19.04 -13.56 4.28
C ILE B 128 -19.63 -13.71 2.87
N GLY B 129 -20.81 -13.15 2.67
CA GLY B 129 -21.45 -13.23 1.35
C GLY B 129 -22.54 -12.19 1.17
N PRO B 139 -18.25 -21.21 4.20
CA PRO B 139 -17.44 -22.45 4.38
C PRO B 139 -16.38 -22.28 5.47
N ASP B 140 -16.70 -22.72 6.69
CA ASP B 140 -15.78 -22.64 7.81
C ASP B 140 -15.64 -21.23 8.35
N LEU B 141 -15.88 -20.24 7.48
CA LEU B 141 -15.79 -18.85 7.89
C LEU B 141 -16.78 -18.54 9.01
N PRO B 142 -18.00 -19.10 8.94
CA PRO B 142 -18.95 -18.82 10.01
C PRO B 142 -18.39 -19.04 11.41
N GLU B 143 -18.05 -20.30 11.67
CA GLU B 143 -17.52 -20.74 12.95
C GLU B 143 -16.32 -19.94 13.47
N ALA B 144 -15.28 -19.84 12.65
CA ALA B 144 -14.07 -19.12 13.05
C ALA B 144 -14.39 -17.78 13.72
N TYR B 145 -15.42 -17.08 13.21
CA TYR B 145 -15.84 -15.83 13.78
C TYR B 145 -16.58 -16.12 15.06
N ARG B 146 -17.55 -17.02 15.00
CA ARG B 146 -18.33 -17.36 16.19
C ARG B 146 -17.44 -17.73 17.36
N GLN B 147 -16.53 -18.65 17.12
CA GLN B 147 -15.62 -19.14 18.13
C GLN B 147 -14.45 -18.21 18.47
N TYR B 148 -13.70 -17.83 17.44
CA TYR B 148 -12.50 -17.01 17.61
C TYR B 148 -12.59 -15.48 17.65
N LEU B 149 -13.27 -14.91 16.66
CA LEU B 149 -13.41 -13.44 16.54
C LEU B 149 -14.56 -12.85 17.32
N LEU B 150 -15.78 -13.22 16.95
CA LEU B 150 -16.96 -12.69 17.61
C LEU B 150 -16.73 -12.46 19.10
N PRO B 151 -16.28 -13.49 19.83
CA PRO B 151 -16.05 -13.33 21.26
C PRO B 151 -15.09 -12.22 21.70
N LEU B 152 -14.61 -11.44 20.73
CA LEU B 152 -13.66 -10.36 21.02
C LEU B 152 -14.11 -8.97 20.60
N ALA B 153 -14.82 -8.90 19.49
CA ALA B 153 -15.31 -7.63 18.95
C ALA B 153 -15.99 -6.74 19.97
N GLN B 154 -15.78 -5.42 19.84
CA GLN B 154 -16.43 -4.47 20.73
C GLN B 154 -17.52 -3.84 19.90
N GLY B 155 -17.58 -4.21 18.63
CA GLY B 155 -18.60 -3.68 17.75
C GLY B 155 -18.54 -4.36 16.41
N ILE B 156 -19.68 -4.52 15.74
CA ILE B 156 -19.65 -5.16 14.45
C ILE B 156 -20.69 -4.58 13.50
N THR B 157 -20.45 -4.81 12.21
CA THR B 157 -21.33 -4.29 11.16
C THR B 157 -21.71 -5.31 10.07
N PRO B 158 -22.58 -6.26 10.42
CA PRO B 158 -23.01 -7.25 9.44
C PRO B 158 -24.31 -6.72 8.88
N ASN B 159 -24.67 -7.16 7.68
CA ASN B 159 -25.91 -6.73 7.07
C ASN B 159 -26.88 -7.85 7.39
N ILE B 160 -28.06 -7.82 6.76
CA ILE B 160 -29.07 -8.84 7.02
C ILE B 160 -28.58 -10.25 6.75
N PHE B 161 -27.98 -10.47 5.58
CA PHE B 161 -27.49 -11.79 5.26
C PHE B 161 -26.42 -12.17 6.28
N GLU B 162 -25.63 -11.19 6.72
CA GLU B 162 -24.56 -11.45 7.66
C GLU B 162 -25.00 -11.62 9.10
N LEU B 163 -26.06 -10.93 9.51
CA LEU B 163 -26.55 -11.08 10.89
C LEU B 163 -27.34 -12.38 11.03
N GLU B 164 -28.04 -12.75 9.98
CA GLU B 164 -28.83 -13.97 9.98
C GLU B 164 -27.97 -15.22 10.20
N ILE B 165 -26.88 -15.33 9.43
CA ILE B 165 -25.99 -16.47 9.52
C ILE B 165 -25.09 -16.45 10.76
N LEU B 166 -24.79 -15.24 11.24
CA LEU B 166 -23.94 -15.10 12.40
C LEU B 166 -24.71 -15.32 13.72
N THR B 167 -26.01 -15.50 13.64
CA THR B 167 -26.80 -15.75 14.84
C THR B 167 -27.64 -17.00 14.61
N GLY B 168 -27.72 -17.40 13.34
CA GLY B 168 -28.48 -18.57 12.96
C GLY B 168 -29.96 -18.28 13.04
N LYS B 169 -30.26 -17.01 13.26
CA LYS B 169 -31.63 -16.57 13.36
C LYS B 169 -32.07 -15.99 12.04
N ASN B 170 -33.38 -15.91 11.85
CA ASN B 170 -33.93 -15.32 10.64
C ASN B 170 -34.63 -14.07 11.15
N CYS B 171 -34.75 -13.05 10.31
CA CYS B 171 -35.37 -11.80 10.75
C CYS B 171 -35.76 -10.82 9.64
N ARG B 172 -37.06 -10.78 9.32
CA ARG B 172 -37.55 -9.89 8.27
C ARG B 172 -38.34 -8.68 8.77
N ASP B 173 -37.78 -7.99 9.76
CA ASP B 173 -38.43 -6.81 10.31
C ASP B 173 -37.52 -6.22 11.38
N LEU B 174 -37.94 -5.09 11.97
CA LEU B 174 -37.14 -4.45 13.02
C LEU B 174 -36.90 -5.42 14.15
N ASP B 175 -37.94 -5.61 14.94
CA ASP B 175 -37.94 -6.49 16.09
C ASP B 175 -37.03 -7.71 15.90
N SER B 176 -37.32 -8.48 14.86
CA SER B 176 -36.56 -9.69 14.52
C SER B 176 -35.06 -9.42 14.42
N ALA B 177 -34.70 -8.58 13.45
CA ALA B 177 -33.31 -8.20 13.22
C ALA B 177 -32.73 -7.60 14.49
N ILE B 178 -33.48 -6.69 15.10
CA ILE B 178 -33.05 -6.03 16.33
C ILE B 178 -32.70 -7.07 17.38
N ALA B 179 -33.68 -7.88 17.78
CA ALA B 179 -33.46 -8.91 18.78
C ALA B 179 -32.17 -9.70 18.52
N ALA B 180 -31.85 -9.86 17.25
CA ALA B 180 -30.68 -10.60 16.85
C ALA B 180 -29.49 -9.83 17.32
N ALA B 181 -29.42 -8.56 16.93
CA ALA B 181 -28.32 -7.73 17.36
C ALA B 181 -28.24 -7.85 18.87
N LYS B 182 -29.35 -7.63 19.57
CA LYS B 182 -29.41 -7.74 21.03
C LYS B 182 -28.82 -9.09 21.47
N SER B 183 -29.22 -10.14 20.76
CA SER B 183 -28.74 -11.50 21.04
C SER B 183 -27.30 -11.70 20.59
N LEU B 184 -26.48 -10.68 20.82
CA LEU B 184 -25.06 -10.72 20.47
C LEU B 184 -24.26 -9.72 21.29
N LEU B 185 -24.96 -8.89 22.05
CA LEU B 185 -24.31 -7.92 22.90
C LEU B 185 -23.74 -8.73 24.07
N SER B 186 -22.94 -8.10 24.92
CA SER B 186 -22.38 -8.75 26.11
C SER B 186 -21.47 -7.78 26.90
N ASP B 187 -20.56 -8.32 27.69
CA ASP B 187 -19.67 -7.47 28.47
C ASP B 187 -18.50 -6.95 27.65
N THR B 188 -18.31 -7.50 26.46
CA THR B 188 -17.24 -7.07 25.56
C THR B 188 -17.82 -6.43 24.30
N LEU B 189 -18.75 -7.12 23.66
CA LEU B 189 -19.41 -6.64 22.45
C LEU B 189 -20.38 -5.53 22.90
N LYS B 190 -20.12 -4.29 22.51
CA LYS B 190 -20.97 -3.17 22.91
C LYS B 190 -22.13 -2.76 22.03
N TRP B 191 -21.93 -2.70 20.72
CA TRP B 191 -23.02 -2.33 19.82
C TRP B 191 -23.06 -3.23 18.61
N VAL B 192 -24.08 -3.09 17.78
CA VAL B 192 -24.18 -3.90 16.58
C VAL B 192 -24.86 -3.13 15.46
N VAL B 193 -24.08 -2.57 14.55
CA VAL B 193 -24.60 -1.81 13.43
C VAL B 193 -24.92 -2.71 12.25
N VAL B 194 -26.20 -2.76 11.90
CA VAL B 194 -26.69 -3.58 10.79
C VAL B 194 -27.13 -2.69 9.64
N THR B 195 -27.04 -3.18 8.41
CA THR B 195 -27.44 -2.39 7.23
C THR B 195 -28.06 -3.18 6.08
N SER B 196 -28.95 -2.54 5.33
CA SER B 196 -29.59 -3.21 4.22
C SER B 196 -30.02 -2.26 3.10
N ALA B 197 -30.01 -2.76 1.88
CA ALA B 197 -30.41 -1.98 0.72
C ALA B 197 -31.73 -2.54 0.18
N SER B 198 -32.80 -1.77 0.34
CA SER B 198 -34.12 -2.20 -0.14
C SER B 198 -34.41 -1.71 -1.56
N GLY B 199 -34.85 -2.63 -2.40
CA GLY B 199 -35.16 -2.27 -3.78
C GLY B 199 -36.33 -3.05 -4.37
N ASN B 203 -33.43 -0.16 -7.68
CA ASN B 203 -32.72 0.91 -6.92
C ASN B 203 -32.59 0.44 -5.48
N GLN B 204 -32.09 1.29 -4.60
CA GLN B 204 -31.91 0.90 -3.20
C GLN B 204 -31.84 2.05 -2.20
N GLU B 205 -32.17 1.74 -0.95
CA GLU B 205 -32.13 2.68 0.16
C GLU B 205 -30.99 2.17 1.05
N MET B 206 -30.55 2.98 2.02
CA MET B 206 -29.45 2.61 2.91
C MET B 206 -29.82 1.86 4.18
N GLN B 207 -31.06 2.05 4.65
CA GLN B 207 -31.54 1.40 5.85
C GLN B 207 -30.46 0.93 6.81
N VAL B 208 -30.29 1.65 7.91
CA VAL B 208 -29.30 1.29 8.93
C VAL B 208 -29.95 1.32 10.30
N VAL B 209 -29.42 0.52 11.22
CA VAL B 209 -29.95 0.46 12.59
C VAL B 209 -28.81 0.36 13.61
N VAL B 210 -28.86 1.22 14.61
CA VAL B 210 -27.83 1.21 15.64
C VAL B 210 -28.40 0.55 16.88
N VAL B 211 -27.98 -0.69 17.11
CA VAL B 211 -28.44 -1.50 18.24
C VAL B 211 -27.46 -1.61 19.41
N THR B 212 -27.36 -0.53 20.17
CA THR B 212 -26.52 -0.50 21.35
C THR B 212 -27.43 -1.21 22.34
N ALA B 213 -26.89 -1.59 23.48
CA ALA B 213 -27.70 -2.31 24.46
C ALA B 213 -28.80 -1.49 25.11
N ASP B 214 -28.50 -0.23 25.39
CA ASP B 214 -29.45 0.66 26.06
C ASP B 214 -30.24 1.60 25.13
N SER B 215 -30.26 1.29 23.83
CA SER B 215 -30.98 2.14 22.88
C SER B 215 -31.06 1.56 21.46
N VAL B 216 -31.92 2.14 20.63
CA VAL B 216 -32.07 1.69 19.25
C VAL B 216 -32.33 2.88 18.31
N ASN B 217 -31.37 3.15 17.42
CA ASN B 217 -31.47 4.24 16.45
C ASN B 217 -31.55 3.61 15.06
N VAL B 218 -32.22 4.30 14.14
CA VAL B 218 -32.36 3.81 12.79
C VAL B 218 -32.23 4.96 11.80
N ILE B 219 -31.09 5.03 11.13
CA ILE B 219 -30.83 6.09 10.16
C ILE B 219 -30.99 5.55 8.75
N SER B 220 -31.65 6.32 7.90
CA SER B 220 -31.90 5.92 6.52
C SER B 220 -31.42 6.96 5.51
N HIS B 221 -31.19 6.52 4.29
CA HIS B 221 -30.74 7.40 3.21
C HIS B 221 -31.20 6.81 1.90
N SER B 222 -31.19 7.65 0.87
CA SER B 222 -31.58 7.22 -0.47
C SER B 222 -30.25 7.15 -1.23
N ARG B 223 -29.92 5.97 -1.74
CA ARG B 223 -28.66 5.82 -2.47
C ARG B 223 -28.87 5.58 -3.96
N VAL B 224 -27.83 5.89 -4.73
CA VAL B 224 -27.82 5.75 -6.18
C VAL B 224 -27.70 4.28 -6.60
N LYS B 225 -27.79 4.04 -7.90
CA LYS B 225 -27.70 2.68 -8.43
C LYS B 225 -26.36 2.50 -9.14
N THR B 226 -25.47 1.70 -8.53
CA THR B 226 -24.12 1.46 -9.06
C THR B 226 -23.64 0.03 -8.82
N ASP B 227 -22.51 -0.29 -9.44
CA ASP B 227 -21.87 -1.59 -9.29
C ASP B 227 -20.55 -1.31 -8.61
N LEU B 228 -20.48 -0.18 -7.91
CA LEU B 228 -19.26 0.23 -7.22
C LEU B 228 -19.13 -0.43 -5.86
N LYS B 229 -18.07 -1.21 -5.71
CA LYS B 229 -17.78 -1.93 -4.46
C LYS B 229 -16.90 -1.07 -3.58
N GLY B 230 -16.64 -1.55 -2.36
CA GLY B 230 -15.79 -0.81 -1.44
C GLY B 230 -16.50 0.22 -0.59
N THR B 231 -17.75 0.53 -0.94
CA THR B 231 -18.55 1.50 -0.21
C THR B 231 -18.48 1.23 1.30
N GLY B 232 -18.63 -0.05 1.64
CA GLY B 232 -18.60 -0.47 3.03
C GLY B 232 -17.21 -0.30 3.64
N ASP B 233 -16.20 -0.93 3.03
CA ASP B 233 -14.83 -0.81 3.51
C ASP B 233 -14.58 0.66 3.84
N LEU B 234 -15.04 1.53 2.94
CA LEU B 234 -14.90 2.99 3.13
C LEU B 234 -15.71 3.38 4.37
N PHE B 235 -17.03 3.22 4.26
CA PHE B 235 -17.96 3.52 5.35
C PHE B 235 -17.32 3.14 6.68
N CYS B 236 -16.88 1.89 6.76
CA CYS B 236 -16.23 1.40 7.97
C CYS B 236 -15.00 2.26 8.22
N ALA B 237 -14.13 2.33 7.21
CA ALA B 237 -12.91 3.10 7.28
C ALA B 237 -13.20 4.46 7.88
N GLN B 238 -14.33 5.02 7.48
CA GLN B 238 -14.76 6.33 7.97
C GLN B 238 -15.36 6.15 9.36
N LEU B 239 -16.34 5.26 9.46
CA LEU B 239 -16.99 5.00 10.73
C LEU B 239 -15.96 4.99 11.85
N ILE B 240 -14.90 4.19 11.71
CA ILE B 240 -13.90 4.12 12.75
C ILE B 240 -13.28 5.47 13.01
N SER B 241 -12.84 6.13 11.95
CA SER B 241 -12.22 7.43 12.10
C SER B 241 -13.10 8.29 13.00
N GLY B 242 -14.28 8.62 12.50
CA GLY B 242 -15.19 9.42 13.28
C GLY B 242 -15.38 8.90 14.69
N LEU B 243 -15.06 7.63 14.94
CA LEU B 243 -15.25 7.08 16.28
C LEU B 243 -14.05 7.32 17.19
N LEU B 244 -12.86 7.37 16.60
CA LEU B 244 -11.64 7.62 17.37
C LEU B 244 -11.49 9.12 17.59
N LYS B 245 -12.43 9.88 17.05
CA LYS B 245 -12.41 11.33 17.18
C LYS B 245 -13.48 11.74 18.17
N GLY B 246 -13.83 10.82 19.06
CA GLY B 246 -14.81 11.12 20.08
C GLY B 246 -16.21 11.48 19.61
N LYS B 247 -16.50 11.22 18.34
CA LYS B 247 -17.83 11.50 17.77
C LYS B 247 -18.80 10.41 18.22
N ALA B 248 -19.91 10.82 18.82
CA ALA B 248 -20.90 9.88 19.30
C ALA B 248 -21.32 8.91 18.21
N LEU B 249 -21.31 7.63 18.54
CA LEU B 249 -21.68 6.56 17.63
C LEU B 249 -22.72 6.97 16.57
N THR B 250 -24.00 6.89 16.92
CA THR B 250 -25.09 7.22 16.01
C THR B 250 -24.77 8.40 15.11
N ASP B 251 -24.15 9.41 15.68
CA ASP B 251 -23.79 10.59 14.92
C ASP B 251 -22.81 10.14 13.88
N ALA B 252 -21.77 9.43 14.34
CA ALA B 252 -20.73 8.95 13.45
C ALA B 252 -21.30 8.07 12.35
N VAL B 253 -22.12 7.09 12.73
CA VAL B 253 -22.75 6.18 11.77
C VAL B 253 -23.41 6.96 10.64
N HIS B 254 -24.11 8.04 10.97
CA HIS B 254 -24.75 8.85 9.95
C HIS B 254 -23.67 9.44 9.04
N ARG B 255 -22.84 10.32 9.59
CA ARG B 255 -21.77 10.95 8.82
C ARG B 255 -21.11 10.01 7.82
N ALA B 256 -20.53 8.93 8.34
CA ALA B 256 -19.85 7.94 7.52
C ALA B 256 -20.79 7.44 6.42
N GLY B 257 -22.08 7.43 6.70
CA GLY B 257 -23.04 7.03 5.69
C GLY B 257 -23.05 8.12 4.64
N LEU B 258 -23.23 9.35 5.11
CA LEU B 258 -23.25 10.52 4.26
C LEU B 258 -22.01 10.51 3.39
N ARG B 259 -20.86 10.36 4.04
CA ARG B 259 -19.56 10.32 3.36
C ARG B 259 -19.57 9.40 2.15
N VAL B 260 -20.03 8.17 2.37
CA VAL B 260 -20.09 7.19 1.31
C VAL B 260 -20.82 7.68 0.07
N LEU B 261 -21.91 8.42 0.26
CA LEU B 261 -22.72 8.94 -0.86
C LEU B 261 -22.00 10.07 -1.59
N GLU B 262 -21.47 10.99 -0.80
CA GLU B 262 -20.75 12.16 -1.29
C GLU B 262 -19.67 11.73 -2.25
N VAL B 263 -18.83 10.81 -1.76
CA VAL B 263 -17.71 10.28 -2.53
C VAL B 263 -18.19 9.59 -3.81
N MET B 264 -19.29 8.84 -3.71
CA MET B 264 -19.84 8.15 -4.87
C MET B 264 -20.33 9.18 -5.88
N ARG B 265 -20.97 10.25 -5.43
CA ARG B 265 -21.41 11.26 -6.39
C ARG B 265 -20.13 11.74 -7.07
N TYR B 266 -19.16 12.20 -6.29
CA TYR B 266 -17.90 12.69 -6.85
C TYR B 266 -17.41 11.73 -7.95
N THR B 267 -17.42 10.44 -7.64
CA THR B 267 -16.99 9.44 -8.60
C THR B 267 -17.99 9.39 -9.75
N GLN B 268 -19.26 9.54 -9.45
CA GLN B 268 -20.25 9.50 -10.52
C GLN B 268 -19.87 10.50 -11.60
N GLN B 269 -19.71 11.76 -11.21
CA GLN B 269 -19.35 12.82 -12.16
C GLN B 269 -18.14 12.46 -13.03
N HIS B 270 -17.01 12.18 -12.37
CA HIS B 270 -15.78 11.82 -13.08
C HIS B 270 -15.98 10.52 -13.84
N GLU B 271 -17.19 9.96 -13.72
CA GLU B 271 -17.54 8.73 -14.40
C GLU B 271 -16.47 7.66 -14.29
N SER B 272 -16.16 7.29 -13.05
CA SER B 272 -15.14 6.28 -12.76
C SER B 272 -15.80 4.96 -12.41
N ASP B 273 -15.23 3.85 -12.86
CA ASP B 273 -15.81 2.56 -12.54
C ASP B 273 -15.26 2.09 -11.20
N GLU B 274 -14.41 2.90 -10.58
CA GLU B 274 -13.83 2.57 -9.28
C GLU B 274 -14.06 3.83 -8.45
N LEU B 275 -13.97 3.73 -7.13
CA LEU B 275 -14.17 4.89 -6.25
C LEU B 275 -13.03 5.91 -6.34
N ILE B 276 -13.32 7.16 -5.99
CA ILE B 276 -12.31 8.20 -6.03
C ILE B 276 -12.44 9.24 -4.93
N LEU B 277 -11.56 9.14 -3.94
CA LEU B 277 -11.55 10.05 -2.80
C LEU B 277 -11.29 11.49 -3.16
N PRO B 278 -12.15 12.39 -2.70
CA PRO B 278 -12.07 13.82 -2.94
C PRO B 278 -11.27 14.38 -1.75
N PRO B 279 -11.47 15.67 -1.39
CA PRO B 279 -10.70 16.16 -0.24
C PRO B 279 -11.37 15.71 1.04
N LEU B 280 -10.76 16.03 2.17
CA LEU B 280 -11.31 15.65 3.47
C LEU B 280 -12.64 16.32 3.72
#